data_5Z2W
#
_entry.id   5Z2W
#
_cell.length_a   63.557
_cell.length_b   39.306
_cell.length_c   73.191
_cell.angle_alpha   90.000
_cell.angle_beta   94.770
_cell.angle_gamma   90.000
#
_symmetry.space_group_name_H-M   'P 1 2 1'
#
loop_
_entity.id
_entity.type
_entity.pdbx_description
1 polymer 'Cell division protein FtsQ'
2 polymer 'Cell division protein FtsB'
3 non-polymer 'MAGNESIUM ION'
#
loop_
_entity_poly.entity_id
_entity_poly.type
_entity_poly.pdbx_seq_one_letter_code
_entity_poly.pdbx_strand_id
1 'polypeptide(L)'
;QRLPLSKLVLTGERHYTRNDDIRQSILALGEPGTFMTQDVNIIQTQIEQRLPWIKQVSVRKQWPDELKIHLVEYVPIARW
NDQHMVDAEGNTFSVPPERTSKQVLPMLYGPEGSANEVLQGYREMGQMLAKDRFTLKEAAMTARRSWQLTLNNDIKLNLG
RGDTMKRLARFVELYPVLQQQAQTDGKRISYVDLRYDSGAAVGWAPLPP
;
A
2 'polypeptide(L)' NGGQEALEERARNELSMTRPGETFYRLVPDASKRA B
#
# COMPACT_ATOMS: atom_id res chain seq x y z
N GLN A 1 -28.21 36.52 22.03
CA GLN A 1 -28.40 35.13 21.59
C GLN A 1 -27.94 34.92 20.12
N ARG A 2 -27.33 33.76 19.83
CA ARG A 2 -26.81 33.40 18.51
C ARG A 2 -27.75 32.48 17.74
N LEU A 3 -27.73 32.61 16.41
CA LEU A 3 -28.40 31.74 15.44
C LEU A 3 -27.79 32.07 14.08
N PRO A 4 -27.80 31.15 13.11
CA PRO A 4 -26.99 31.33 11.91
C PRO A 4 -27.62 32.33 10.94
N LEU A 5 -26.76 32.84 10.07
CA LEU A 5 -27.18 33.67 8.97
C LEU A 5 -26.90 33.00 7.62
N SER A 6 -25.63 32.65 7.36
CA SER A 6 -25.25 31.78 6.25
C SER A 6 -25.18 30.35 6.78
N LYS A 7 -25.93 29.44 6.17
CA LYS A 7 -25.84 28.01 6.49
C LYS A 7 -24.87 27.32 5.53
N LEU A 8 -24.29 26.20 5.97
CA LEU A 8 -23.34 25.43 5.19
C LEU A 8 -23.74 23.96 5.26
N VAL A 9 -24.01 23.34 4.11
CA VAL A 9 -24.45 21.95 4.11
C VAL A 9 -23.48 21.12 3.26
N LEU A 10 -23.09 19.96 3.78
CA LEU A 10 -22.09 19.10 3.15
C LEU A 10 -22.72 17.76 2.81
N THR A 11 -22.34 17.21 1.66
CA THR A 11 -23.00 16.02 1.16
C THR A 11 -22.00 15.05 0.54
N GLY A 12 -22.33 13.77 0.64
CA GLY A 12 -21.48 12.74 0.12
C GLY A 12 -20.72 12.01 1.21
N GLU A 13 -20.25 10.81 0.87
CA GLU A 13 -19.55 9.98 1.83
C GLU A 13 -18.20 10.61 2.17
N ARG A 14 -17.98 10.86 3.46
CA ARG A 14 -16.78 11.52 3.93
C ARG A 14 -16.32 10.85 5.22
N HIS A 15 -15.11 10.30 5.17
CA HIS A 15 -14.43 9.66 6.29
C HIS A 15 -13.30 10.54 6.84
N TYR A 16 -12.50 11.12 5.96
CA TYR A 16 -11.32 11.83 6.42
C TYR A 16 -11.57 13.32 6.62
N THR A 17 -12.69 13.86 6.14
CA THR A 17 -12.99 15.29 6.29
C THR A 17 -13.77 15.52 7.58
N ARG A 18 -13.29 16.47 8.40
CA ARG A 18 -14.08 17.08 9.45
C ARG A 18 -14.92 18.21 8.86
N ASN A 19 -16.14 18.38 9.37
CA ASN A 19 -16.96 19.49 8.88
C ASN A 19 -16.25 20.82 9.06
N ASP A 20 -15.47 20.95 10.12
CA ASP A 20 -14.76 22.19 10.34
C ASP A 20 -13.73 22.49 9.27
N ASP A 21 -13.23 21.49 8.54
CA ASP A 21 -12.15 21.75 7.58
C ASP A 21 -12.63 22.58 6.41
N ILE A 22 -13.89 22.37 6.01
CA ILE A 22 -14.51 23.18 4.96
C ILE A 22 -14.80 24.57 5.48
N ARG A 23 -15.47 24.63 6.63
CA ARG A 23 -15.73 25.92 7.27
C ARG A 23 -14.45 26.76 7.31
N GLN A 24 -13.37 26.17 7.84
CA GLN A 24 -12.11 26.90 7.98
C GLN A 24 -11.56 27.34 6.64
N SER A 25 -11.88 26.61 5.57
CA SER A 25 -11.45 27.01 4.25
C SER A 25 -12.17 28.27 3.80
N ILE A 26 -13.50 28.29 3.92
CA ILE A 26 -14.27 29.46 3.48
C ILE A 26 -13.95 30.66 4.35
N LEU A 27 -13.88 30.45 5.66
CA LEU A 27 -13.69 31.57 6.59
C LEU A 27 -12.28 32.16 6.46
N ALA A 28 -11.23 31.28 6.40
CA ALA A 28 -9.83 31.72 6.33
C ALA A 28 -9.49 32.34 5.01
N LEU A 29 -10.48 32.56 4.16
CA LEU A 29 -10.31 33.15 2.83
C LEU A 29 -10.27 34.68 2.96
N GLY A 30 -10.41 35.37 1.82
CA GLY A 30 -10.44 36.82 1.80
C GLY A 30 -11.85 37.39 1.89
N GLU A 31 -11.91 38.65 2.32
CA GLU A 31 -13.14 39.43 2.61
C GLU A 31 -14.24 38.65 3.32
N PRO A 32 -13.96 37.91 4.45
CA PRO A 32 -15.03 37.14 5.10
C PRO A 32 -16.28 37.95 5.41
N GLY A 33 -17.41 37.50 4.88
CA GLY A 33 -18.66 38.23 4.92
C GLY A 33 -19.33 38.30 3.55
N THR A 34 -18.50 38.44 2.50
CA THR A 34 -18.92 38.12 1.14
C THR A 34 -18.95 36.60 1.07
N PHE A 35 -20.00 36.01 1.65
CA PHE A 35 -19.93 34.57 1.89
C PHE A 35 -20.67 33.76 0.84
N MET A 36 -21.86 34.17 0.38
CA MET A 36 -22.47 33.52 -0.78
C MET A 36 -22.36 34.35 -2.05
N THR A 37 -21.30 35.17 -2.16
CA THR A 37 -20.91 35.85 -3.38
C THR A 37 -19.47 35.56 -3.80
N GLN A 38 -18.59 35.21 -2.84
CA GLN A 38 -17.25 34.76 -3.16
C GLN A 38 -17.30 33.56 -4.08
N ASP A 39 -16.73 33.70 -5.28
CA ASP A 39 -17.14 32.88 -6.41
C ASP A 39 -17.17 31.39 -6.05
N VAL A 40 -18.32 30.77 -6.35
CA VAL A 40 -18.56 29.36 -6.10
C VAL A 40 -17.40 28.52 -6.63
N ASN A 41 -16.73 29.00 -7.69
CA ASN A 41 -15.59 28.28 -8.24
C ASN A 41 -14.32 28.55 -7.45
N ILE A 42 -14.15 29.78 -6.95
CA ILE A 42 -13.00 30.09 -6.09
C ILE A 42 -13.05 29.24 -4.83
N ILE A 43 -14.24 28.90 -4.36
CA ILE A 43 -14.31 28.10 -3.13
C ILE A 43 -13.97 26.64 -3.42
N GLN A 44 -14.22 26.14 -4.63
CA GLN A 44 -13.71 24.83 -5.02
C GLN A 44 -12.19 24.82 -5.00
N THR A 45 -11.57 25.75 -5.75
CA THR A 45 -10.12 25.83 -5.90
C THR A 45 -9.41 26.20 -4.58
N GLN A 46 -10.14 26.28 -3.47
CA GLN A 46 -9.60 26.53 -2.14
C GLN A 46 -9.75 25.34 -1.22
N ILE A 47 -10.89 24.65 -1.32
CA ILE A 47 -11.08 23.41 -0.58
C ILE A 47 -10.13 22.37 -1.12
N GLU A 48 -9.80 22.45 -2.42
CA GLU A 48 -8.94 21.45 -3.05
C GLU A 48 -7.49 21.59 -2.60
N GLN A 49 -6.95 22.80 -2.58
CA GLN A 49 -5.60 22.99 -2.07
C GLN A 49 -5.52 22.66 -0.59
N ARG A 50 -6.37 23.28 0.23
CA ARG A 50 -6.26 23.07 1.66
C ARG A 50 -6.46 21.61 2.05
N LEU A 51 -7.05 20.78 1.18
CA LEU A 51 -7.31 19.37 1.48
C LEU A 51 -6.91 18.46 0.33
N PRO A 52 -5.74 17.79 0.41
CA PRO A 52 -5.29 16.92 -0.69
C PRO A 52 -5.99 15.58 -0.76
N TRP A 53 -6.93 15.29 0.15
CA TRP A 53 -7.67 14.04 0.11
C TRP A 53 -9.05 14.19 -0.51
N ILE A 54 -9.39 15.38 -1.02
CA ILE A 54 -10.65 15.55 -1.73
C ILE A 54 -10.38 15.30 -3.22
N LYS A 55 -11.04 14.27 -3.78
CA LYS A 55 -10.99 14.06 -5.22
C LYS A 55 -11.77 15.14 -5.96
N GLN A 56 -12.88 15.60 -5.38
CA GLN A 56 -13.78 16.47 -6.13
C GLN A 56 -14.58 17.33 -5.16
N VAL A 57 -14.74 18.61 -5.50
CA VAL A 57 -15.56 19.54 -4.72
C VAL A 57 -16.60 20.13 -5.67
N SER A 58 -17.87 20.01 -5.30
CA SER A 58 -18.98 20.41 -6.15
C SER A 58 -19.77 21.47 -5.39
N VAL A 59 -19.56 22.74 -5.72
CA VAL A 59 -20.15 23.86 -4.99
C VAL A 59 -21.25 24.53 -5.81
N ARG A 60 -22.43 24.69 -5.19
CA ARG A 60 -23.57 25.47 -5.66
C ARG A 60 -24.06 26.31 -4.49
N LYS A 61 -24.98 27.24 -4.77
CA LYS A 61 -25.66 28.00 -3.73
C LYS A 61 -27.17 27.85 -3.89
N GLN A 62 -27.86 27.85 -2.76
CA GLN A 62 -29.31 27.78 -2.74
C GLN A 62 -29.77 29.02 -1.99
N TRP A 63 -30.21 30.01 -2.74
CA TRP A 63 -30.91 31.14 -2.18
C TRP A 63 -32.00 30.63 -1.25
N PRO A 64 -32.22 31.27 -0.11
CA PRO A 64 -31.66 32.57 0.28
C PRO A 64 -30.32 32.52 1.02
N ASP A 65 -30.11 31.49 1.85
CA ASP A 65 -29.15 31.59 2.94
C ASP A 65 -28.18 30.42 3.07
N GLU A 66 -28.13 29.47 2.14
CA GLU A 66 -27.24 28.33 2.38
C GLU A 66 -26.29 28.06 1.21
N LEU A 67 -25.22 27.34 1.57
CA LEU A 67 -24.10 26.98 0.70
C LEU A 67 -23.96 25.46 0.74
N LYS A 68 -24.10 24.82 -0.42
CA LYS A 68 -24.22 23.36 -0.51
C LYS A 68 -23.00 22.82 -1.23
N ILE A 69 -22.19 22.05 -0.50
CA ILE A 69 -20.88 21.60 -0.95
C ILE A 69 -20.88 20.07 -1.00
N HIS A 70 -20.66 19.53 -2.20
CA HIS A 70 -20.63 18.09 -2.42
C HIS A 70 -19.18 17.63 -2.56
N LEU A 71 -18.81 16.62 -1.77
CA LEU A 71 -17.43 16.16 -1.67
C LEU A 71 -17.31 14.69 -2.03
N VAL A 72 -16.29 14.36 -2.80
CA VAL A 72 -15.84 12.97 -3.01
C VAL A 72 -14.40 12.85 -2.54
N GLU A 73 -14.17 12.05 -1.52
CA GLU A 73 -12.81 11.83 -1.02
C GLU A 73 -12.07 10.73 -1.80
N TYR A 74 -10.76 10.75 -1.71
CA TYR A 74 -9.94 9.70 -2.30
C TYR A 74 -10.02 8.46 -1.40
N VAL A 75 -10.56 7.37 -1.94
CA VAL A 75 -10.62 6.11 -1.19
C VAL A 75 -9.28 5.40 -1.37
N PRO A 76 -8.42 5.37 -0.35
CA PRO A 76 -7.10 4.75 -0.54
C PRO A 76 -7.17 3.24 -0.45
N ILE A 77 -6.34 2.60 -1.26
CA ILE A 77 -6.15 1.14 -1.21
C ILE A 77 -4.86 0.82 -0.46
N ALA A 78 -3.88 1.74 -0.48
CA ALA A 78 -2.60 1.47 0.13
C ALA A 78 -1.95 2.74 0.67
N ARG A 79 -1.00 2.53 1.60
CA ARG A 79 -0.17 3.58 2.19
C ARG A 79 1.19 3.62 1.48
N TRP A 80 1.36 4.62 0.62
CA TRP A 80 2.48 4.70 -0.31
C TRP A 80 3.69 5.37 0.33
N ASN A 81 4.77 4.61 0.50
CA ASN A 81 6.06 5.13 0.98
C ASN A 81 5.91 5.77 2.36
N ASP A 82 5.05 5.16 3.19
CA ASP A 82 4.79 5.43 4.60
C ASP A 82 4.02 6.72 4.88
N GLN A 83 4.00 7.65 3.94
CA GLN A 83 3.55 9.00 4.24
C GLN A 83 2.56 9.51 3.19
N HIS A 84 2.11 8.64 2.30
CA HIS A 84 1.11 9.00 1.33
C HIS A 84 0.13 7.85 1.26
N MET A 85 -0.79 7.97 0.34
CA MET A 85 -1.79 6.96 0.09
C MET A 85 -1.98 6.94 -1.40
N VAL A 86 -2.72 5.95 -1.88
CA VAL A 86 -3.01 5.81 -3.29
C VAL A 86 -4.35 5.12 -3.43
N ASP A 87 -5.10 5.49 -4.45
CA ASP A 87 -6.37 4.85 -4.73
C ASP A 87 -6.25 3.97 -5.97
N ALA A 88 -7.35 3.29 -6.30
CA ALA A 88 -7.37 2.27 -7.35
C ALA A 88 -6.66 2.70 -8.63
N GLU A 89 -6.82 3.95 -9.04
CA GLU A 89 -6.33 4.43 -10.33
C GLU A 89 -4.91 4.97 -10.28
N GLY A 90 -4.25 4.93 -9.13
CA GLY A 90 -2.87 5.31 -9.04
C GLY A 90 -2.62 6.66 -8.42
N ASN A 91 -3.68 7.45 -8.21
CA ASN A 91 -3.56 8.79 -7.66
C ASN A 91 -2.97 8.77 -6.24
N THR A 92 -1.95 9.60 -6.01
CA THR A 92 -1.33 9.74 -4.70
C THR A 92 -1.76 11.03 -4.02
N PHE A 93 -2.04 10.93 -2.74
CA PHE A 93 -2.50 12.05 -1.92
C PHE A 93 -1.97 11.85 -0.52
N SER A 94 -2.50 12.60 0.44
CA SER A 94 -2.05 12.51 1.81
C SER A 94 -3.22 12.78 2.75
N VAL A 95 -2.94 12.72 4.04
CA VAL A 95 -3.90 12.91 5.13
C VAL A 95 -3.04 13.33 6.32
N PRO A 96 -3.57 14.03 7.32
CA PRO A 96 -2.90 14.08 8.61
C PRO A 96 -2.77 12.69 9.22
N PRO A 97 -1.58 12.30 9.68
CA PRO A 97 -1.49 11.11 10.52
C PRO A 97 -2.21 11.27 11.85
N GLU A 98 -2.58 12.51 12.24
CA GLU A 98 -3.47 12.74 13.37
C GLU A 98 -4.81 12.07 13.16
N ARG A 99 -5.15 11.77 11.91
CA ARG A 99 -6.45 11.25 11.52
C ARG A 99 -6.52 9.77 11.91
N THR A 100 -7.41 9.02 11.27
CA THR A 100 -7.76 7.65 11.67
C THR A 100 -6.54 6.82 12.10
N SER A 101 -5.58 6.58 11.19
CA SER A 101 -4.23 6.07 11.43
C SER A 101 -4.18 4.70 12.12
N LYS A 102 -5.30 4.23 12.67
CA LYS A 102 -5.48 2.82 12.99
C LYS A 102 -6.34 2.16 11.91
N GLN A 103 -5.80 2.18 10.69
CA GLN A 103 -6.45 1.59 9.53
C GLN A 103 -5.72 0.30 9.18
N VAL A 104 -6.48 -0.72 8.78
CA VAL A 104 -5.88 -1.95 8.22
C VAL A 104 -5.71 -1.66 6.73
N LEU A 105 -4.63 -0.94 6.43
CA LEU A 105 -4.22 -0.63 5.06
C LEU A 105 -2.84 -1.23 4.79
N PRO A 106 -2.66 -1.89 3.66
CA PRO A 106 -1.31 -2.30 3.22
C PRO A 106 -0.42 -1.09 2.94
N MET A 107 0.86 -1.36 2.77
CA MET A 107 1.83 -0.29 2.50
C MET A 107 2.64 -0.64 1.27
N LEU A 108 2.60 0.21 0.27
CA LEU A 108 3.41 0.02 -0.92
C LEU A 108 4.63 0.92 -0.82
N TYR A 109 5.74 0.45 -1.42
CA TYR A 109 6.98 1.22 -1.49
C TYR A 109 7.55 1.14 -2.91
N GLY A 110 8.41 2.10 -3.22
CA GLY A 110 8.93 2.24 -4.54
C GLY A 110 9.52 3.62 -4.75
N PRO A 111 10.15 3.81 -5.91
CA PRO A 111 10.67 5.14 -6.29
C PRO A 111 9.59 6.20 -6.40
N GLU A 112 10.06 7.44 -6.58
CA GLU A 112 9.22 8.63 -6.55
C GLU A 112 7.97 8.50 -7.42
N GLY A 113 8.14 8.25 -8.70
CA GLY A 113 6.98 8.32 -9.54
C GLY A 113 6.27 7.01 -9.75
N SER A 114 6.75 5.95 -9.10
CA SER A 114 6.37 4.58 -9.44
C SER A 114 5.13 4.09 -8.71
N ALA A 115 4.35 4.98 -8.09
CA ALA A 115 3.20 4.52 -7.31
C ALA A 115 2.16 3.82 -8.18
N ASN A 116 2.07 4.15 -9.47
CA ASN A 116 1.14 3.35 -10.24
C ASN A 116 1.74 2.00 -10.58
N GLU A 117 3.02 1.99 -11.00
CA GLU A 117 3.72 0.72 -11.23
C GLU A 117 3.52 -0.24 -10.07
N VAL A 118 3.91 0.18 -8.86
CA VAL A 118 3.86 -0.69 -7.69
C VAL A 118 2.45 -1.20 -7.46
N LEU A 119 1.46 -0.32 -7.66
CA LEU A 119 0.04 -0.71 -7.59
C LEU A 119 -0.25 -1.88 -8.53
N GLN A 120 0.17 -1.78 -9.80
CA GLN A 120 0.05 -2.91 -10.73
C GLN A 120 0.45 -4.23 -10.11
N GLY A 121 1.69 -4.34 -9.67
CA GLY A 121 2.14 -5.59 -9.07
C GLY A 121 1.28 -5.94 -7.87
N TYR A 122 1.05 -4.96 -7.01
CA TYR A 122 0.29 -5.23 -5.79
C TYR A 122 -1.06 -5.85 -6.10
N ARG A 123 -1.69 -5.44 -7.20
CA ARG A 123 -2.94 -6.07 -7.63
C ARG A 123 -2.69 -7.48 -8.12
N GLU A 124 -1.67 -7.66 -8.98
CA GLU A 124 -1.48 -8.94 -9.64
C GLU A 124 -1.02 -10.03 -8.68
N MET A 125 -0.22 -9.67 -7.68
CA MET A 125 0.24 -10.68 -6.74
C MET A 125 -0.76 -10.89 -5.61
N GLY A 126 -1.32 -9.79 -5.10
CA GLY A 126 -2.37 -9.92 -4.09
C GLY A 126 -3.52 -10.79 -4.55
N GLN A 127 -3.86 -10.70 -5.85
CA GLN A 127 -4.88 -11.54 -6.48
C GLN A 127 -4.52 -13.01 -6.33
N MET A 128 -3.43 -13.46 -6.97
CA MET A 128 -3.06 -14.87 -6.92
C MET A 128 -2.86 -15.36 -5.49
N LEU A 129 -2.28 -14.51 -4.64
CA LEU A 129 -2.04 -14.95 -3.27
C LEU A 129 -3.34 -15.13 -2.51
N ALA A 130 -4.33 -14.24 -2.76
CA ALA A 130 -5.64 -14.37 -2.12
C ALA A 130 -6.44 -15.54 -2.69
N LYS A 131 -6.11 -16.01 -3.89
CA LYS A 131 -6.64 -17.26 -4.41
C LYS A 131 -6.25 -18.47 -3.56
N ASP A 132 -5.37 -18.28 -2.57
CA ASP A 132 -5.00 -19.27 -1.55
C ASP A 132 -5.21 -18.54 -0.23
N ARG A 133 -4.71 -19.02 0.91
CA ARG A 133 -5.15 -18.34 2.13
C ARG A 133 -4.18 -17.23 2.58
N PHE A 134 -3.84 -16.29 1.69
CA PHE A 134 -2.74 -15.33 1.87
C PHE A 134 -3.14 -13.90 1.54
N THR A 135 -2.84 -12.95 2.43
CA THR A 135 -3.08 -11.54 2.18
C THR A 135 -1.75 -10.79 2.31
N LEU A 136 -1.64 -9.67 1.56
CA LEU A 136 -0.40 -8.90 1.45
C LEU A 136 -0.38 -7.78 2.47
N LYS A 137 0.60 -7.79 3.39
CA LYS A 137 0.76 -6.70 4.33
C LYS A 137 1.53 -5.56 3.69
N GLU A 138 2.68 -5.89 3.06
CA GLU A 138 3.54 -4.93 2.39
C GLU A 138 3.89 -5.46 1.01
N ALA A 139 4.45 -4.57 0.20
CA ALA A 139 4.94 -4.94 -1.12
C ALA A 139 5.86 -3.81 -1.54
N ALA A 140 7.13 -4.12 -1.80
CA ALA A 140 8.15 -3.10 -1.98
C ALA A 140 8.90 -3.34 -3.28
N MET A 141 8.79 -2.40 -4.21
CA MET A 141 9.59 -2.44 -5.43
C MET A 141 10.80 -1.56 -5.21
N THR A 142 11.96 -2.05 -5.57
CA THR A 142 13.18 -1.26 -5.57
C THR A 142 13.31 -0.50 -6.90
N ALA A 143 14.34 0.35 -6.98
CA ALA A 143 14.65 1.00 -8.25
C ALA A 143 14.94 -0.03 -9.32
N ARG A 144 15.74 -1.05 -8.99
CA ARG A 144 16.11 -2.08 -9.96
C ARG A 144 14.93 -2.96 -10.37
N ARG A 145 13.74 -2.76 -9.77
CA ARG A 145 12.51 -3.50 -10.06
C ARG A 145 12.55 -4.92 -9.51
N SER A 146 13.16 -5.07 -8.33
CA SER A 146 13.11 -6.31 -7.57
C SER A 146 12.06 -6.20 -6.46
N TRP A 147 11.14 -7.16 -6.44
CA TRP A 147 9.97 -7.12 -5.57
C TRP A 147 10.25 -7.88 -4.32
N GLN A 148 9.87 -7.31 -3.18
CA GLN A 148 9.88 -8.04 -1.93
C GLN A 148 8.55 -7.84 -1.23
N LEU A 149 7.85 -8.93 -0.94
CA LEU A 149 6.53 -8.89 -0.32
C LEU A 149 6.62 -9.35 1.14
N THR A 150 6.19 -8.52 2.08
CA THR A 150 5.85 -9.01 3.40
C THR A 150 4.40 -9.49 3.35
N LEU A 151 4.13 -10.62 3.99
CA LEU A 151 2.83 -11.26 3.91
C LEU A 151 1.95 -10.94 5.13
N ASN A 152 0.79 -11.63 5.21
CA ASN A 152 -0.10 -11.51 6.37
C ASN A 152 0.61 -11.92 7.67
N ASN A 153 1.47 -12.95 7.60
CA ASN A 153 2.39 -13.28 8.68
C ASN A 153 3.48 -12.23 8.66
N ASP A 154 4.60 -12.47 9.31
CA ASP A 154 5.69 -11.56 9.00
C ASP A 154 6.69 -12.26 8.08
N ILE A 155 6.15 -13.12 7.21
CA ILE A 155 6.91 -13.89 6.22
C ILE A 155 7.21 -13.00 5.03
N LYS A 156 8.46 -12.59 4.90
CA LYS A 156 8.87 -11.85 3.72
C LYS A 156 9.16 -12.79 2.55
N LEU A 157 8.74 -12.41 1.35
CA LEU A 157 9.06 -13.17 0.14
C LEU A 157 9.87 -12.28 -0.81
N ASN A 158 11.16 -12.60 -0.99
CA ASN A 158 12.03 -11.90 -1.91
C ASN A 158 11.90 -12.57 -3.27
N LEU A 159 11.26 -11.88 -4.23
CA LEU A 159 11.02 -12.44 -5.56
C LEU A 159 12.02 -11.99 -6.61
N GLY A 160 13.01 -11.20 -6.24
CA GLY A 160 13.96 -10.81 -7.26
C GLY A 160 13.34 -9.96 -8.36
N ARG A 161 13.96 -10.02 -9.56
CA ARG A 161 13.60 -9.19 -10.71
C ARG A 161 12.82 -9.93 -11.79
N GLY A 162 12.89 -11.26 -11.84
CA GLY A 162 12.30 -12.01 -12.94
C GLY A 162 10.99 -12.73 -12.63
N ASP A 163 10.95 -14.06 -12.78
CA ASP A 163 9.72 -14.78 -13.09
C ASP A 163 8.76 -14.69 -11.91
N THR A 164 8.19 -13.50 -11.67
CA THR A 164 7.59 -13.23 -10.37
C THR A 164 6.32 -14.07 -10.14
N MET A 165 5.40 -14.11 -11.11
CA MET A 165 4.22 -14.97 -10.96
C MET A 165 4.59 -16.45 -10.87
N LYS A 166 5.73 -16.84 -11.46
CA LYS A 166 6.23 -18.21 -11.31
C LYS A 166 6.81 -18.44 -9.92
N ARG A 167 7.42 -17.39 -9.36
CA ARG A 167 8.19 -17.51 -8.12
C ARG A 167 7.29 -17.51 -6.89
N LEU A 168 6.31 -16.61 -6.83
CA LEU A 168 5.35 -16.76 -5.76
C LEU A 168 4.34 -17.86 -6.07
N ALA A 169 4.21 -18.27 -7.33
CA ALA A 169 3.60 -19.57 -7.59
C ALA A 169 4.33 -20.66 -6.80
N ARG A 170 5.65 -20.73 -6.97
CA ARG A 170 6.44 -21.78 -6.34
C ARG A 170 6.36 -21.71 -4.82
N PHE A 171 6.13 -20.52 -4.26
CA PHE A 171 6.03 -20.43 -2.81
C PHE A 171 4.75 -21.05 -2.30
N VAL A 172 3.65 -20.83 -2.99
CA VAL A 172 2.36 -21.38 -2.55
C VAL A 172 2.42 -22.90 -2.55
N GLU A 173 3.10 -23.46 -3.54
CA GLU A 173 3.25 -24.91 -3.64
C GLU A 173 3.98 -25.47 -2.44
N LEU A 174 4.94 -24.69 -1.91
CA LEU A 174 5.88 -25.12 -0.89
C LEU A 174 5.36 -24.91 0.50
N TYR A 175 4.49 -23.90 0.70
CA TYR A 175 4.14 -23.44 2.05
C TYR A 175 3.80 -24.59 3.01
N PRO A 176 2.96 -25.57 2.64
CA PRO A 176 2.76 -26.71 3.54
C PRO A 176 4.08 -27.30 4.06
N VAL A 177 5.00 -27.71 3.16
CA VAL A 177 6.26 -28.30 3.64
C VAL A 177 6.93 -27.36 4.63
N LEU A 178 6.85 -26.06 4.38
CA LEU A 178 7.57 -25.13 5.23
C LEU A 178 6.97 -25.10 6.62
N GLN A 179 5.63 -25.11 6.70
CA GLN A 179 4.94 -25.11 8.00
C GLN A 179 5.25 -26.37 8.78
N GLN A 180 5.17 -27.53 8.13
CA GLN A 180 5.58 -28.78 8.78
C GLN A 180 6.97 -28.62 9.40
N GLN A 181 7.98 -28.35 8.56
CA GLN A 181 9.32 -28.10 9.09
C GLN A 181 9.36 -26.97 10.12
N ALA A 182 8.35 -26.09 10.13
CA ALA A 182 8.43 -24.93 11.01
C ALA A 182 8.16 -25.32 12.44
N GLN A 183 7.25 -26.29 12.66
CA GLN A 183 6.86 -26.82 13.96
C GLN A 183 7.76 -27.97 14.44
N THR A 184 8.08 -28.93 13.57
CA THR A 184 8.98 -30.01 13.97
C THR A 184 10.31 -29.43 14.47
N ASP A 185 10.51 -28.11 14.28
CA ASP A 185 11.63 -27.39 14.85
C ASP A 185 11.22 -26.24 15.78
N GLY A 186 9.96 -25.80 15.74
CA GLY A 186 9.52 -24.74 16.62
C GLY A 186 10.17 -23.41 16.34
N LYS A 187 10.16 -23.04 15.07
CA LYS A 187 10.70 -21.77 14.60
C LYS A 187 9.69 -21.24 13.60
N ARG A 188 9.77 -19.95 13.30
CA ARG A 188 8.83 -19.37 12.34
C ARG A 188 9.59 -19.05 11.07
N ILE A 189 8.98 -19.34 9.92
CA ILE A 189 9.51 -18.92 8.62
C ILE A 189 9.70 -17.42 8.60
N SER A 190 10.94 -16.96 8.53
CA SER A 190 11.19 -15.53 8.44
C SER A 190 10.97 -15.02 7.03
N TYR A 191 11.80 -15.48 6.07
CA TYR A 191 11.65 -15.20 4.64
C TYR A 191 11.68 -16.50 3.85
N VAL A 192 11.11 -16.49 2.65
CA VAL A 192 11.49 -17.47 1.62
C VAL A 192 11.94 -16.73 0.36
N ASP A 193 13.13 -17.07 -0.12
CA ASP A 193 13.86 -16.28 -1.11
C ASP A 193 13.92 -17.08 -2.43
N LEU A 194 13.31 -16.56 -3.48
CA LEU A 194 12.96 -17.43 -4.61
C LEU A 194 13.77 -17.16 -5.87
N ARG A 195 14.91 -16.47 -5.73
CA ARG A 195 15.75 -16.08 -6.85
C ARG A 195 16.56 -17.29 -7.36
N TYR A 196 15.82 -18.25 -7.90
CA TYR A 196 16.35 -19.53 -8.34
C TYR A 196 15.42 -20.03 -9.43
N ASP A 197 15.98 -20.47 -10.54
CA ASP A 197 15.20 -21.35 -11.39
C ASP A 197 14.86 -22.61 -10.59
N SER A 198 13.57 -22.80 -10.28
CA SER A 198 12.98 -23.98 -9.61
C SER A 198 13.20 -24.05 -8.08
N GLY A 199 13.95 -23.14 -7.47
CA GLY A 199 14.32 -23.30 -6.08
C GLY A 199 13.74 -22.26 -5.12
N ALA A 200 14.09 -22.46 -3.84
CA ALA A 200 13.66 -21.54 -2.78
C ALA A 200 14.57 -21.75 -1.58
N ALA A 201 15.07 -20.68 -1.00
CA ALA A 201 15.85 -20.72 0.23
C ALA A 201 15.07 -20.02 1.31
N VAL A 202 14.86 -20.70 2.44
CA VAL A 202 14.05 -20.20 3.54
C VAL A 202 14.96 -19.86 4.71
N GLY A 203 14.76 -18.68 5.27
CA GLY A 203 15.42 -18.30 6.50
C GLY A 203 14.38 -18.42 7.60
N TRP A 204 14.78 -19.12 8.67
CA TRP A 204 13.89 -19.31 9.81
C TRP A 204 14.32 -18.40 10.95
N ALA A 205 13.38 -18.19 11.86
CA ALA A 205 13.53 -17.27 12.97
C ALA A 205 12.94 -17.91 14.21
N PRO A 206 13.36 -17.48 15.42
CA PRO A 206 12.68 -17.94 16.62
C PRO A 206 11.27 -17.37 16.66
N LEU A 207 10.51 -17.67 17.70
CA LEU A 207 9.12 -17.26 17.65
C LEU A 207 8.75 -16.58 18.96
N PRO A 208 7.93 -15.54 18.90
CA PRO A 208 7.60 -14.73 20.10
C PRO A 208 7.23 -15.60 21.30
N PRO A 209 7.68 -15.21 22.52
CA PRO A 209 7.45 -15.96 23.76
C PRO A 209 6.22 -15.50 24.54
N ASN B 1 26.64 -0.40 -10.97
CA ASN B 1 27.10 -1.78 -10.89
C ASN B 1 25.99 -2.76 -10.41
N GLY B 2 25.13 -2.29 -9.50
CA GLY B 2 24.18 -3.10 -8.76
C GLY B 2 24.61 -3.31 -7.30
N GLY B 3 25.92 -3.35 -7.07
CA GLY B 3 26.45 -3.37 -5.73
C GLY B 3 26.22 -4.72 -5.09
N GLN B 4 25.89 -4.69 -3.81
CA GLN B 4 25.72 -5.94 -3.10
C GLN B 4 24.41 -6.65 -3.47
N GLU B 5 23.40 -5.93 -4.00
CA GLU B 5 22.18 -6.64 -4.39
C GLU B 5 22.34 -7.34 -5.74
N ALA B 6 22.92 -6.69 -6.75
CA ALA B 6 23.01 -7.39 -8.03
C ALA B 6 23.99 -8.56 -7.94
N LEU B 7 25.02 -8.44 -7.10
CA LEU B 7 25.90 -9.57 -6.86
C LEU B 7 25.13 -10.76 -6.27
N GLU B 8 24.31 -10.51 -5.23
CA GLU B 8 23.61 -11.58 -4.55
C GLU B 8 22.54 -12.18 -5.44
N GLU B 9 21.78 -11.33 -6.16
CA GLU B 9 20.81 -11.78 -7.14
C GLU B 9 21.43 -12.78 -8.12
N ARG B 10 22.68 -12.54 -8.51
CA ARG B 10 23.33 -13.41 -9.50
C ARG B 10 23.74 -14.73 -8.86
N ALA B 11 24.46 -14.66 -7.73
CA ALA B 11 24.91 -15.86 -7.04
C ALA B 11 23.76 -16.83 -6.79
N ARG B 12 22.56 -16.32 -6.48
CA ARG B 12 21.45 -17.23 -6.25
C ARG B 12 20.94 -17.83 -7.57
N ASN B 13 20.75 -16.99 -8.59
CA ASN B 13 20.08 -17.43 -9.81
C ASN B 13 20.97 -18.34 -10.64
N GLU B 14 22.27 -18.02 -10.73
CA GLU B 14 23.18 -18.71 -11.64
C GLU B 14 23.99 -19.80 -10.94
N LEU B 15 24.20 -19.68 -9.63
CA LEU B 15 24.99 -20.63 -8.86
C LEU B 15 24.20 -21.41 -7.84
N SER B 16 22.93 -21.05 -7.59
CA SER B 16 22.13 -21.66 -6.51
C SER B 16 22.86 -21.64 -5.18
N MET B 17 23.53 -20.54 -4.88
CA MET B 17 24.08 -20.30 -3.55
C MET B 17 23.01 -19.79 -2.57
N THR B 18 23.17 -20.13 -1.29
CA THR B 18 22.29 -19.73 -0.21
C THR B 18 23.08 -18.89 0.81
N ARG B 19 22.45 -18.55 1.89
CA ARG B 19 23.20 -17.92 2.96
C ARG B 19 23.32 -18.89 4.14
N PRO B 20 24.37 -18.72 4.99
CA PRO B 20 24.43 -19.48 6.24
C PRO B 20 23.08 -19.51 6.93
N GLY B 21 22.59 -20.71 7.24
CA GLY B 21 21.39 -20.88 8.03
C GLY B 21 20.14 -21.20 7.24
N GLU B 22 20.11 -20.88 5.96
CA GLU B 22 18.92 -21.05 5.16
C GLU B 22 18.81 -22.48 4.65
N THR B 23 17.63 -23.03 4.72
CA THR B 23 17.35 -24.33 4.13
C THR B 23 16.96 -24.15 2.68
N PHE B 24 17.45 -25.04 1.83
CA PHE B 24 17.26 -24.90 0.39
C PHE B 24 16.33 -26.00 -0.09
N TYR B 25 15.34 -25.63 -0.89
CA TYR B 25 14.40 -26.57 -1.51
C TYR B 25 14.48 -26.40 -3.02
N ARG B 26 14.89 -27.46 -3.73
CA ARG B 26 14.87 -27.50 -5.18
C ARG B 26 13.67 -28.32 -5.65
N LEU B 27 13.15 -28.01 -6.84
CA LEU B 27 11.94 -28.65 -7.36
C LEU B 27 12.18 -29.31 -8.73
N VAL B 28 13.29 -30.04 -8.89
CA VAL B 28 13.51 -30.98 -10.00
C VAL B 28 12.55 -32.16 -9.76
N PRO B 29 11.58 -32.41 -10.68
CA PRO B 29 10.16 -32.37 -10.25
C PRO B 29 9.82 -33.12 -8.97
N ASP B 30 9.89 -32.38 -7.85
CA ASP B 30 9.06 -32.35 -6.64
C ASP B 30 9.84 -31.51 -5.62
N ALA B 31 9.25 -31.12 -4.48
CA ALA B 31 10.04 -30.38 -3.48
C ALA B 31 11.04 -31.31 -2.76
N SER B 32 12.18 -30.75 -2.36
CA SER B 32 13.27 -31.55 -1.82
C SER B 32 14.23 -30.71 -0.97
N LYS B 33 14.29 -30.98 0.33
CA LYS B 33 15.28 -30.42 1.24
C LYS B 33 16.65 -31.08 1.04
N ARG B 34 17.66 -30.57 1.77
CA ARG B 34 19.04 -31.05 1.62
C ARG B 34 19.16 -32.55 1.87
N ALA B 35 18.49 -33.06 2.91
CA ALA B 35 18.48 -34.48 3.29
C ALA B 35 19.81 -35.22 3.06
#